data_2JAM
#
_entry.id   2JAM
#
_cell.length_a   51.666
_cell.length_b   53.736
_cell.length_c   64.177
_cell.angle_alpha   65.45
_cell.angle_beta   71.91
_cell.angle_gamma   73.84
#
_symmetry.space_group_name_H-M   'P 1'
#
loop_
_entity.id
_entity.type
_entity.pdbx_description
1 polymer 'CALCIUM/CALMODULIN-DEPENDENT PROTEIN KINASE TYPE 1G'
2 polymer POLYPEPTIDE
3 polymer POLYPEPTIDE
4 non-polymer 1,2-ETHANEDIOL
5 non-polymer 5-[(E)-(5-CHLORO-2-OXO-1,2-DIHYDRO-3H-INDOL-3-YLIDENE)METHYL]-N-[2-(DIETHYLAMINO)ETHYL]-2,4-DIMETHYL-1H-PYRROLE-3-CARBOXAMIDE
6 non-polymer 'CALCIUM ION'
7 water water
#
loop_
_entity_poly.entity_id
_entity_poly.type
_entity_poly.pdbx_seq_one_letter_code
_entity_poly.pdbx_strand_id
1 'polypeptide(L)'
;SMQTTNIRKTFIFMEVLGSGAFSEVFLVKQRLTGKLFALKCIKKSPAFRDSSLENEIAVLKKIKHENIVTLEDIYESTTH
YYLVMQLVSGGELFDRILERGVYTEKDASLVIQQVLSAVKYLHENGIVHRDLKPENLLYLTPEENSKIMITDFGLSKMEQ
NGIMSTACGTPGYVAPEVLAQKPYSKAVDCWSIGVITYILLCGYPPFYEETESKLFEKIKEGYYEFESPFWDDISESAKD
FICHLLEKDPNERYTCEKALSHPWIDGNTALHRDIYPSVSLQIQKNFAKSKWRQAFNAAAVVHH
;
A,B
2 'polypeptide(L)' GVSKFA D
3 'polypeptide(L)' VSKF E
#
# COMPACT_ATOMS: atom_id res chain seq x y z
N ASN A 6 28.40 5.30 12.28
CA ASN A 6 29.16 4.04 12.46
C ASN A 6 28.41 2.80 11.95
N ILE A 7 27.22 2.98 11.37
CA ILE A 7 26.42 1.79 10.97
C ILE A 7 27.11 1.05 9.81
N ARG A 8 27.74 1.80 8.90
CA ARG A 8 28.53 1.22 7.81
C ARG A 8 29.86 0.63 8.29
N LYS A 9 30.38 1.12 9.42
CA LYS A 9 31.58 0.52 10.04
C LYS A 9 31.29 -0.83 10.69
N THR A 10 30.02 -1.08 11.04
CA THR A 10 29.63 -2.29 11.74
C THR A 10 29.13 -3.36 10.77
N PHE A 11 28.44 -2.92 9.72
CA PHE A 11 27.71 -3.81 8.78
C PHE A 11 28.01 -3.56 7.32
N ILE A 12 28.11 -4.66 6.57
CA ILE A 12 28.12 -4.62 5.11
C ILE A 12 26.68 -4.80 4.62
N PHE A 13 26.20 -3.87 3.81
CA PHE A 13 24.85 -3.94 3.28
C PHE A 13 24.86 -4.77 1.99
N MET A 14 24.07 -5.83 1.95
CA MET A 14 24.09 -6.83 0.84
C MET A 14 22.89 -6.73 -0.12
N GLU A 15 21.68 -6.56 0.41
CA GLU A 15 20.50 -6.27 -0.41
C GLU A 15 19.34 -5.73 0.40
N VAL A 16 18.39 -5.14 -0.32
CA VAL A 16 17.14 -4.68 0.28
C VAL A 16 16.16 -5.86 0.31
N LEU A 17 15.71 -6.24 1.51
CA LEU A 17 14.74 -7.32 1.71
C LEU A 17 13.28 -6.82 1.71
N GLY A 18 13.07 -5.58 2.12
CA GLY A 18 11.74 -4.95 2.03
C GLY A 18 11.82 -3.45 2.26
N SER A 19 10.81 -2.73 1.80
CA SER A 19 10.74 -1.27 2.02
C SER A 19 9.30 -0.77 2.24
N GLY A 20 9.15 0.19 3.14
CA GLY A 20 7.89 0.80 3.47
C GLY A 20 8.02 2.31 3.50
N ALA A 21 7.01 2.96 4.08
CA ALA A 21 6.91 4.42 4.14
C ALA A 21 8.05 5.08 4.91
N PHE A 22 8.31 4.58 6.12
CA PHE A 22 9.35 5.13 6.97
C PHE A 22 10.29 4.09 7.57
N SER A 23 10.19 2.85 7.08
CA SER A 23 11.07 1.78 7.52
C SER A 23 11.47 0.89 6.33
N GLU A 24 12.64 0.29 6.43
CA GLU A 24 13.13 -0.62 5.41
C GLU A 24 14.00 -1.68 6.07
N VAL A 25 14.14 -2.83 5.41
CA VAL A 25 14.92 -3.93 5.95
C VAL A 25 15.98 -4.35 4.95
N PHE A 26 17.21 -4.43 5.45
CA PHE A 26 18.35 -4.82 4.66
C PHE A 26 18.94 -6.13 5.14
N LEU A 27 19.38 -6.94 4.19
CA LEU A 27 20.26 -8.05 4.50
C LEU A 27 21.64 -7.45 4.73
N VAL A 28 22.23 -7.74 5.88
CA VAL A 28 23.55 -7.23 6.25
C VAL A 28 24.44 -8.34 6.81
N LYS A 29 25.74 -8.13 6.67
CA LYS A 29 26.77 -8.98 7.25
C LYS A 29 27.51 -8.19 8.32
N GLN A 30 27.53 -8.73 9.54
CA GLN A 30 28.26 -8.13 10.65
CA GLN A 30 28.26 -8.11 10.63
C GLN A 30 29.76 -8.28 10.35
N ARG A 31 30.47 -7.16 10.19
CA ARG A 31 31.89 -7.20 9.80
C ARG A 31 32.81 -8.01 10.71
N LEU A 32 32.60 -7.91 12.02
CA LEU A 32 33.48 -8.57 13.00
C LEU A 32 33.33 -10.10 12.96
N THR A 33 32.09 -10.57 12.91
CA THR A 33 31.79 -12.00 13.02
C THR A 33 31.52 -12.69 11.69
N GLY A 34 31.08 -11.91 10.70
CA GLY A 34 30.66 -12.44 9.41
C GLY A 34 29.23 -12.97 9.39
N LYS A 35 28.54 -12.89 10.53
CA LYS A 35 27.18 -13.41 10.65
C LYS A 35 26.21 -12.47 9.92
N LEU A 36 25.16 -13.07 9.36
CA LEU A 36 24.10 -12.36 8.64
C LEU A 36 22.90 -12.04 9.52
N PHE A 37 22.30 -10.87 9.25
CA PHE A 37 21.14 -10.36 9.99
C PHE A 37 20.22 -9.58 9.06
N ALA A 38 18.99 -9.39 9.51
CA ALA A 38 18.04 -8.46 8.93
C ALA A 38 18.11 -7.15 9.74
N LEU A 39 18.55 -6.08 9.10
CA LEU A 39 18.66 -4.78 9.74
C LEU A 39 17.43 -3.92 9.38
N LYS A 40 16.56 -3.66 10.35
CA LYS A 40 15.37 -2.84 10.11
C LYS A 40 15.70 -1.40 10.51
N CYS A 41 15.66 -0.53 9.52
CA CYS A 41 16.02 0.89 9.67
C CYS A 41 14.75 1.71 9.67
N ILE A 42 14.53 2.43 10.76
CA ILE A 42 13.28 3.15 11.02
C ILE A 42 13.60 4.64 11.20
N LYS A 43 13.00 5.45 10.33
CA LYS A 43 13.16 6.92 10.38
C LYS A 43 12.36 7.49 11.52
N LYS A 44 13.05 8.26 12.36
CA LYS A 44 12.41 8.95 13.50
C LYS A 44 11.36 10.00 13.09
N SER A 51 7.08 8.87 21.59
CA SER A 51 7.28 8.02 22.77
C SER A 51 6.80 6.59 22.50
N SER A 52 5.78 6.47 21.65
CA SER A 52 5.15 5.17 21.41
C SER A 52 6.11 4.20 20.72
N LEU A 53 6.89 4.68 19.75
CA LEU A 53 7.91 3.82 19.13
C LEU A 53 8.98 3.43 20.13
N GLU A 54 9.47 4.38 20.93
CA GLU A 54 10.49 4.06 21.91
C GLU A 54 9.98 3.09 23.00
N ASN A 55 8.72 3.23 23.39
CA ASN A 55 8.08 2.29 24.32
C ASN A 55 7.96 0.89 23.73
N GLU A 56 7.64 0.81 22.44
CA GLU A 56 7.51 -0.49 21.77
C GLU A 56 8.87 -1.16 21.68
N ILE A 57 9.90 -0.39 21.34
CA ILE A 57 11.26 -0.93 21.35
C ILE A 57 11.66 -1.48 22.72
N ALA A 58 11.35 -0.74 23.78
CA ALA A 58 11.59 -1.20 25.17
C ALA A 58 10.95 -2.59 25.41
N VAL A 59 9.74 -2.77 24.90
CA VAL A 59 9.04 -4.05 24.97
C VAL A 59 9.72 -5.09 24.09
N LEU A 60 9.99 -4.73 22.84
CA LEU A 60 10.77 -5.61 21.93
C LEU A 60 12.04 -6.20 22.58
N LYS A 61 12.74 -5.38 23.35
CA LYS A 61 13.97 -5.79 24.03
C LYS A 61 13.72 -6.89 25.05
N LYS A 62 12.55 -6.88 25.66
CA LYS A 62 12.24 -7.74 26.79
C LYS A 62 11.58 -9.07 26.39
N ILE A 63 10.87 -9.08 25.26
CA ILE A 63 10.03 -10.21 24.90
C ILE A 63 10.80 -11.33 24.18
N LYS A 64 10.33 -12.55 24.38
CA LYS A 64 11.02 -13.73 23.89
C LYS A 64 9.93 -14.74 23.55
N HIS A 65 9.83 -15.06 22.26
CA HIS A 65 8.92 -16.05 21.76
C HIS A 65 9.59 -16.81 20.60
N GLU A 66 9.42 -18.13 20.57
CA GLU A 66 10.11 -18.94 19.58
C GLU A 66 9.66 -18.68 18.14
N ASN A 67 8.46 -18.13 18.00
CA ASN A 67 7.89 -17.77 16.67
C ASN A 67 7.97 -16.27 16.28
N ILE A 68 8.74 -15.49 17.02
CA ILE A 68 8.95 -14.11 16.69
C ILE A 68 10.45 -13.83 16.50
N VAL A 69 10.81 -13.18 15.41
CA VAL A 69 12.20 -12.80 15.15
C VAL A 69 12.84 -12.13 16.39
N THR A 70 14.05 -12.55 16.73
CA THR A 70 14.77 -12.00 17.87
C THR A 70 15.40 -10.64 17.53
N LEU A 71 15.26 -9.69 18.47
CA LEU A 71 15.97 -8.43 18.42
C LEU A 71 17.37 -8.62 19.02
N GLU A 72 18.40 -8.53 18.19
CA GLU A 72 19.75 -8.86 18.61
C GLU A 72 20.48 -7.62 19.19
N ASP A 73 20.24 -6.44 18.63
CA ASP A 73 20.89 -5.21 19.06
C ASP A 73 20.13 -4.03 18.49
N ILE A 74 20.37 -2.84 19.05
CA ILE A 74 19.81 -1.62 18.54
C ILE A 74 20.93 -0.59 18.47
N TYR A 75 21.02 0.07 17.32
CA TYR A 75 21.85 1.26 17.15
C TYR A 75 20.91 2.42 16.86
N GLU A 76 21.30 3.61 17.32
CA GLU A 76 20.48 4.80 17.17
C GLU A 76 21.32 5.98 16.76
N SER A 77 20.82 6.71 15.76
CA SER A 77 21.38 7.98 15.34
C SER A 77 20.37 9.08 15.62
N THR A 78 20.77 10.31 15.29
CA THR A 78 19.89 11.44 15.44
C THR A 78 18.63 11.32 14.57
N THR A 79 18.70 10.57 13.48
CA THR A 79 17.58 10.44 12.53
C THR A 79 16.91 9.04 12.42
N HIS A 80 17.58 7.99 12.91
CA HIS A 80 17.13 6.61 12.72
C HIS A 80 17.36 5.70 13.91
N TYR A 81 16.51 4.68 14.00
CA TYR A 81 16.82 3.48 14.77
C TYR A 81 17.24 2.38 13.78
N TYR A 82 18.23 1.59 14.16
CA TYR A 82 18.67 0.44 13.40
C TYR A 82 18.48 -0.80 14.28
N LEU A 83 17.51 -1.63 13.91
CA LEU A 83 17.16 -2.79 14.71
C LEU A 83 17.80 -4.00 14.05
N VAL A 84 18.78 -4.58 14.74
CA VAL A 84 19.50 -5.74 14.24
C VAL A 84 18.67 -6.97 14.61
N MET A 85 18.02 -7.56 13.60
CA MET A 85 17.04 -8.64 13.78
C MET A 85 17.57 -9.95 13.23
N GLN A 86 17.05 -11.02 13.83
CA GLN A 86 17.24 -12.35 13.32
C GLN A 86 16.78 -12.45 11.86
N LEU A 87 17.66 -12.98 11.01
CA LEU A 87 17.36 -13.30 9.60
C LEU A 87 16.68 -14.67 9.50
N VAL A 88 15.57 -14.73 8.78
CA VAL A 88 14.83 -15.95 8.61
C VAL A 88 14.98 -16.37 7.15
N SER A 89 15.52 -17.57 6.93
CA SER A 89 15.98 -18.01 5.60
C SER A 89 15.30 -19.31 5.09
N GLY A 90 14.14 -19.64 5.67
CA GLY A 90 13.41 -20.85 5.29
C GLY A 90 12.40 -20.71 4.16
N GLY A 91 12.14 -19.47 3.73
CA GLY A 91 11.19 -19.20 2.68
C GLY A 91 9.78 -18.95 3.14
N GLU A 92 8.96 -18.52 2.19
CA GLU A 92 7.63 -18.04 2.44
C GLU A 92 6.74 -19.24 2.66
N LEU A 93 5.72 -19.02 3.48
CA LEU A 93 4.73 -20.02 3.85
C LEU A 93 4.19 -20.83 2.66
N PHE A 94 3.63 -20.15 1.67
CA PHE A 94 3.02 -20.86 0.54
C PHE A 94 4.00 -21.50 -0.44
N ASP A 95 5.21 -20.94 -0.57
CA ASP A 95 6.26 -21.60 -1.35
C ASP A 95 6.63 -22.93 -0.74
N ARG A 96 6.76 -22.95 0.58
CA ARG A 96 7.14 -24.16 1.26
C ARG A 96 6.03 -25.23 1.21
N ILE A 97 4.77 -24.83 1.15
CA ILE A 97 3.67 -25.77 0.98
C ILE A 97 3.71 -26.44 -0.41
N LEU A 98 3.92 -25.66 -1.45
CA LEU A 98 4.16 -26.20 -2.81
C LEU A 98 5.29 -27.22 -2.89
N GLU A 99 6.36 -27.02 -2.12
CA GLU A 99 7.52 -27.92 -2.15
C GLU A 99 7.35 -29.25 -1.38
N ARG A 100 6.29 -29.35 -0.57
CA ARG A 100 6.00 -30.53 0.27
C ARG A 100 5.72 -31.82 -0.51
N GLY A 101 4.82 -31.77 -1.46
CA GLY A 101 4.38 -33.03 -2.10
C GLY A 101 3.29 -33.78 -1.34
N VAL A 102 3.22 -33.61 -0.01
CA VAL A 102 2.07 -34.06 0.83
C VAL A 102 1.69 -32.95 1.86
N TYR A 103 0.41 -32.81 2.16
CA TYR A 103 -0.09 -31.68 2.96
C TYR A 103 -1.44 -31.99 3.53
N THR A 104 -1.66 -31.64 4.81
CA THR A 104 -2.91 -31.97 5.52
C THR A 104 -3.45 -30.80 6.35
N GLU A 105 -4.71 -30.90 6.76
CA GLU A 105 -5.34 -29.93 7.68
C GLU A 105 -4.52 -29.74 8.96
N LYS A 106 -3.94 -30.84 9.47
CA LYS A 106 -3.15 -30.78 10.71
C LYS A 106 -1.82 -30.01 10.48
N ASP A 107 -1.24 -30.14 9.29
CA ASP A 107 -0.10 -29.27 8.92
C ASP A 107 -0.46 -27.78 9.00
N ALA A 108 -1.58 -27.41 8.39
CA ALA A 108 -2.11 -26.01 8.46
C ALA A 108 -2.41 -25.57 9.90
N SER A 109 -3.07 -26.44 10.67
CA SER A 109 -3.44 -26.16 12.05
C SER A 109 -2.19 -25.86 12.89
N LEU A 110 -1.13 -26.65 12.69
CA LEU A 110 0.13 -26.43 13.41
C LEU A 110 0.77 -25.06 13.06
N VAL A 111 0.69 -24.65 11.80
CA VAL A 111 1.17 -23.32 11.42
C VAL A 111 0.32 -22.22 12.11
N ILE A 112 -1.00 -22.35 12.04
CA ILE A 112 -1.89 -21.36 12.64
C ILE A 112 -1.75 -21.30 14.18
N GLN A 113 -1.51 -22.42 14.84
CA GLN A 113 -1.28 -22.45 16.27
C GLN A 113 -0.05 -21.59 16.64
N GLN A 114 0.99 -21.71 15.83
CA GLN A 114 2.22 -20.92 16.01
C GLN A 114 1.97 -19.44 15.82
N VAL A 115 1.21 -19.11 14.76
CA VAL A 115 0.89 -17.71 14.46
C VAL A 115 0.03 -17.08 15.54
N LEU A 116 -1.03 -17.80 15.94
CA LEU A 116 -1.88 -17.42 17.07
C LEU A 116 -1.09 -17.20 18.37
N SER A 117 -0.17 -18.11 18.68
CA SER A 117 0.68 -17.98 19.88
C SER A 117 1.54 -16.72 19.84
N ALA A 118 2.16 -16.48 18.69
CA ALA A 118 3.00 -15.28 18.45
C ALA A 118 2.22 -13.99 18.57
N VAL A 119 1.08 -13.92 17.90
CA VAL A 119 0.25 -12.72 17.92
C VAL A 119 -0.45 -12.50 19.28
N LYS A 120 -0.87 -13.56 19.95
CA LYS A 120 -1.37 -13.45 21.32
C LYS A 120 -0.31 -12.78 22.23
N TYR A 121 0.94 -13.20 22.07
CA TYR A 121 2.02 -12.69 22.93
C TYR A 121 2.27 -11.21 22.62
N LEU A 122 2.24 -10.84 21.35
CA LEU A 122 2.29 -9.43 20.96
C LEU A 122 1.14 -8.64 21.58
N HIS A 123 -0.08 -9.19 21.46
CA HIS A 123 -1.27 -8.50 21.93
C HIS A 123 -1.27 -8.25 23.45
N GLU A 124 -0.84 -9.25 24.19
CA GLU A 124 -0.76 -9.18 25.65
C GLU A 124 0.37 -8.30 26.15
N ASN A 125 1.26 -7.89 25.23
CA ASN A 125 2.35 -6.96 25.50
C ASN A 125 2.14 -5.61 24.78
N GLY A 126 0.89 -5.36 24.39
CA GLY A 126 0.42 -4.09 23.85
C GLY A 126 0.85 -3.73 22.43
N ILE A 127 1.19 -4.72 21.63
CA ILE A 127 1.60 -4.53 20.24
C ILE A 127 0.53 -5.15 19.31
N VAL A 128 0.10 -4.36 18.33
CA VAL A 128 -0.78 -4.83 17.24
C VAL A 128 0.12 -5.16 16.05
N HIS A 129 -0.12 -6.30 15.41
CA HIS A 129 0.77 -6.75 14.35
C HIS A 129 0.72 -5.80 13.12
N ARG A 130 -0.49 -5.48 12.69
CA ARG A 130 -0.81 -4.69 11.50
C ARG A 130 -0.63 -5.47 10.19
N ASP A 131 -1.62 -5.30 9.31
CA ASP A 131 -1.49 -5.68 7.90
C ASP A 131 -0.87 -7.08 7.74
N LEU A 132 -1.39 -8.07 8.47
CA LEU A 132 -0.78 -9.43 8.44
C LEU A 132 -1.04 -10.15 7.12
N LYS A 133 0.02 -10.33 6.34
CA LYS A 133 -0.02 -10.88 4.99
C LYS A 133 0.72 -12.22 4.94
N PRO A 134 0.38 -13.09 3.97
CA PRO A 134 1.09 -14.36 3.82
C PRO A 134 2.61 -14.21 3.71
N GLU A 135 3.05 -13.17 2.99
CA GLU A 135 4.48 -12.86 2.81
C GLU A 135 5.26 -12.56 4.10
N ASN A 136 4.54 -12.21 5.17
CA ASN A 136 5.15 -11.87 6.48
C ASN A 136 5.54 -13.12 7.25
N LEU A 137 4.89 -14.24 6.90
CA LEU A 137 5.09 -15.50 7.59
C LEU A 137 6.19 -16.32 6.87
N LEU A 138 7.38 -16.37 7.49
CA LEU A 138 8.55 -17.00 6.91
C LEU A 138 9.06 -18.14 7.79
N TYR A 139 9.47 -19.25 7.16
CA TYR A 139 10.04 -20.36 7.90
C TYR A 139 11.44 -20.03 8.39
N LEU A 140 11.74 -20.42 9.62
CA LEU A 140 13.03 -20.11 10.24
C LEU A 140 14.17 -20.76 9.48
N THR A 141 14.02 -22.05 9.18
CA THR A 141 15.02 -22.83 8.45
C THR A 141 14.43 -23.65 7.29
N PRO A 142 15.28 -24.12 6.36
CA PRO A 142 14.87 -25.03 5.27
C PRO A 142 14.36 -26.39 5.73
N GLU A 143 14.62 -26.74 6.98
CA GLU A 143 14.26 -28.05 7.53
C GLU A 143 12.76 -28.24 7.54
N GLU A 144 12.34 -29.46 7.24
CA GLU A 144 10.92 -29.81 7.14
C GLU A 144 10.11 -29.39 8.37
N ASN A 145 10.69 -29.56 9.56
CA ASN A 145 9.95 -29.32 10.81
C ASN A 145 10.10 -27.88 11.32
N SER A 146 10.59 -26.99 10.46
CA SER A 146 10.90 -25.62 10.86
C SER A 146 9.73 -24.89 11.47
N LYS A 147 10.02 -24.10 12.48
CA LYS A 147 9.05 -23.14 13.00
C LYS A 147 8.78 -22.10 11.91
N ILE A 148 7.55 -21.60 11.95
CA ILE A 148 7.08 -20.43 11.19
C ILE A 148 7.28 -19.17 12.07
N MET A 149 7.70 -18.09 11.43
CA MET A 149 8.12 -16.87 12.14
C MET A 149 7.31 -15.68 11.69
N ILE A 150 6.89 -14.86 12.65
CA ILE A 150 6.45 -13.49 12.33
C ILE A 150 7.74 -12.61 12.27
N THR A 151 7.72 -11.65 11.36
CA THR A 151 8.91 -10.95 10.95
C THR A 151 8.65 -9.45 11.10
N ASP A 152 7.97 -8.86 10.12
CA ASP A 152 7.61 -7.42 10.12
C ASP A 152 6.29 -7.23 10.87
N PHE A 153 6.31 -6.45 11.94
CA PHE A 153 5.10 -6.20 12.74
C PHE A 153 5.24 -4.91 13.53
N GLY A 154 4.11 -4.44 14.06
CA GLY A 154 4.08 -3.29 14.97
C GLY A 154 4.00 -1.92 14.30
N LEU A 155 4.35 -0.90 15.08
CA LEU A 155 4.23 0.49 14.65
C LEU A 155 5.01 0.76 13.36
N SER A 156 6.14 0.06 13.21
CA SER A 156 7.05 0.26 12.10
C SER A 156 6.82 -0.70 10.95
N LYS A 157 5.67 -1.38 10.95
CA LYS A 157 5.31 -2.27 9.83
C LYS A 157 5.48 -1.52 8.50
N MET A 158 6.11 -2.19 7.54
CA MET A 158 6.33 -1.63 6.22
C MET A 158 5.07 -1.79 5.39
N GLU A 159 4.38 -0.69 5.23
CA GLU A 159 3.19 -0.60 4.39
C GLU A 159 3.19 0.82 3.88
N GLN A 160 2.50 1.04 2.76
CA GLN A 160 2.34 2.37 2.20
C GLN A 160 0.86 2.74 2.29
N ASN A 161 0.49 3.38 3.40
CA ASN A 161 -0.91 3.78 3.71
C ASN A 161 -1.25 5.28 3.60
N GLY A 162 -2.18 5.61 2.71
CA GLY A 162 -2.61 6.99 2.49
C GLY A 162 -1.66 7.67 1.52
N ILE A 163 -1.99 8.89 1.16
CA ILE A 163 -1.36 9.52 0.04
C ILE A 163 -0.01 10.19 0.29
N MET A 164 0.41 10.22 1.56
CA MET A 164 1.72 10.77 1.92
C MET A 164 2.75 9.73 2.36
N SER A 165 2.42 8.44 2.27
CA SER A 165 3.29 7.40 2.78
CA SER A 165 3.30 7.39 2.76
C SER A 165 4.68 7.48 2.12
N THR A 166 4.71 7.49 0.78
CA THR A 166 5.96 7.51 0.04
C THR A 166 6.61 8.89 0.07
N ALA A 167 5.79 9.90 -0.13
CA ALA A 167 6.28 11.28 -0.29
C ALA A 167 7.05 11.83 0.92
N CYS A 168 6.44 11.73 2.11
CA CYS A 168 7.12 12.22 3.31
CA CYS A 168 7.01 12.25 3.35
C CYS A 168 7.20 11.16 4.39
N GLY A 169 6.81 9.92 4.08
CA GLY A 169 6.97 8.86 5.09
C GLY A 169 5.94 8.93 6.21
N THR A 170 4.77 9.49 5.92
CA THR A 170 3.78 9.74 6.94
C THR A 170 2.48 9.03 6.61
N PRO A 171 2.09 8.02 7.41
CA PRO A 171 0.84 7.32 7.10
C PRO A 171 -0.40 8.07 7.58
N GLY A 172 -1.55 7.69 7.02
CA GLY A 172 -2.83 8.05 7.56
C GLY A 172 -3.54 9.15 6.79
N TYR A 173 -2.97 9.62 5.68
CA TYR A 173 -3.65 10.62 4.84
C TYR A 173 -4.67 9.97 3.92
N VAL A 174 -5.85 9.74 4.52
CA VAL A 174 -6.96 9.06 3.92
C VAL A 174 -8.18 9.93 4.18
N ALA A 175 -9.01 10.12 3.15
CA ALA A 175 -10.17 11.02 3.23
C ALA A 175 -11.12 10.59 4.36
N PRO A 176 -11.71 11.57 5.10
CA PRO A 176 -12.40 11.28 6.37
C PRO A 176 -13.60 10.32 6.29
N GLU A 177 -14.29 10.29 5.15
CA GLU A 177 -15.44 9.41 4.98
C GLU A 177 -15.08 7.94 4.80
N VAL A 178 -13.81 7.66 4.53
CA VAL A 178 -13.39 6.29 4.14
C VAL A 178 -13.33 5.30 5.30
N LEU A 179 -12.64 5.69 6.38
CA LEU A 179 -12.39 4.80 7.53
C LEU A 179 -13.43 4.99 8.63
N ALA A 180 -14.08 3.89 9.01
CA ALA A 180 -15.04 3.84 10.11
C ALA A 180 -14.34 3.89 11.44
N GLN A 181 -13.10 3.42 11.46
CA GLN A 181 -12.27 3.34 12.66
C GLN A 181 -10.82 3.27 12.21
N LYS A 182 -9.91 3.44 13.15
CA LYS A 182 -8.51 3.29 12.86
C LYS A 182 -8.31 1.83 12.39
N PRO A 183 -7.55 1.65 11.30
CA PRO A 183 -7.49 0.40 10.52
C PRO A 183 -6.71 -0.75 11.15
N TYR A 184 -6.05 -0.51 12.27
CA TYR A 184 -5.27 -1.55 12.95
C TYR A 184 -5.83 -1.78 14.35
N SER A 185 -6.02 -3.05 14.69
CA SER A 185 -6.49 -3.43 16.02
C SER A 185 -6.18 -4.90 16.23
N LYS A 186 -6.27 -5.33 17.47
CA LYS A 186 -6.11 -6.74 17.82
C LYS A 186 -7.14 -7.61 17.06
N ALA A 187 -8.40 -7.17 17.01
CA ALA A 187 -9.45 -7.89 16.27
C ALA A 187 -9.23 -7.95 14.74
N VAL A 188 -8.68 -6.89 14.17
CA VAL A 188 -8.30 -6.91 12.76
C VAL A 188 -7.18 -7.94 12.50
N ASP A 189 -6.17 -8.01 13.37
CA ASP A 189 -5.14 -9.06 13.28
C ASP A 189 -5.80 -10.46 13.28
N CYS A 190 -6.75 -10.67 14.20
CA CYS A 190 -7.46 -11.97 14.30
C CYS A 190 -8.20 -12.32 13.01
N TRP A 191 -8.87 -11.33 12.43
CA TRP A 191 -9.57 -11.51 11.12
C TRP A 191 -8.60 -11.94 10.01
N SER A 192 -7.44 -11.29 9.99
CA SER A 192 -6.40 -11.61 9.03
C SER A 192 -5.95 -13.06 9.16
N ILE A 193 -5.77 -13.51 10.39
CA ILE A 193 -5.42 -14.92 10.67
C ILE A 193 -6.52 -15.89 10.15
N GLY A 194 -7.78 -15.49 10.28
CA GLY A 194 -8.91 -16.19 9.64
C GLY A 194 -8.76 -16.34 8.14
N VAL A 195 -8.35 -15.26 7.47
CA VAL A 195 -8.21 -15.28 6.00
C VAL A 195 -7.05 -16.18 5.56
N ILE A 196 -5.94 -16.12 6.29
CA ILE A 196 -4.77 -16.90 6.00
C ILE A 196 -5.13 -18.38 6.22
N THR A 197 -5.89 -18.67 7.26
CA THR A 197 -6.33 -20.05 7.52
C THR A 197 -7.15 -20.59 6.32
N TYR A 198 -8.09 -19.77 5.86
CA TYR A 198 -8.95 -20.12 4.73
C TYR A 198 -8.10 -20.50 3.50
N ILE A 199 -7.16 -19.64 3.11
CA ILE A 199 -6.30 -19.91 1.96
C ILE A 199 -5.37 -21.13 2.19
N LEU A 200 -4.90 -21.33 3.42
CA LEU A 200 -4.07 -22.51 3.73
C LEU A 200 -4.80 -23.84 3.47
N LEU A 201 -6.13 -23.83 3.54
CA LEU A 201 -6.93 -25.07 3.35
C LEU A 201 -7.51 -25.29 1.94
N CYS A 202 -7.45 -24.27 1.09
CA CYS A 202 -7.95 -24.40 -0.29
C CYS A 202 -7.11 -23.77 -1.41
N GLY A 203 -6.23 -22.83 -1.09
CA GLY A 203 -5.35 -22.23 -2.13
C GLY A 203 -5.92 -20.98 -2.80
N TYR A 204 -7.05 -20.49 -2.30
CA TYR A 204 -7.60 -19.20 -2.72
C TYR A 204 -8.25 -18.46 -1.53
N PRO A 205 -8.25 -17.12 -1.56
CA PRO A 205 -8.93 -16.34 -0.52
C PRO A 205 -10.45 -16.40 -0.65
N PRO A 206 -11.18 -16.12 0.45
CA PRO A 206 -12.64 -16.17 0.38
C PRO A 206 -13.15 -15.17 -0.63
N PHE A 207 -14.08 -15.62 -1.48
CA PHE A 207 -14.71 -14.74 -2.49
C PHE A 207 -13.71 -14.26 -3.55
N TYR A 208 -12.69 -15.10 -3.79
CA TYR A 208 -11.63 -14.81 -4.78
C TYR A 208 -12.17 -14.33 -6.15
N GLU A 209 -13.25 -14.94 -6.63
CA GLU A 209 -13.81 -14.62 -7.95
C GLU A 209 -14.87 -13.49 -7.96
N GLU A 210 -15.07 -12.80 -6.84
CA GLU A 210 -15.95 -11.65 -6.79
C GLU A 210 -15.17 -10.38 -7.19
N THR A 211 -15.89 -9.43 -7.78
CA THR A 211 -15.32 -8.12 -8.09
C THR A 211 -14.94 -7.39 -6.78
N GLU A 212 -14.01 -6.43 -6.85
CA GLU A 212 -13.62 -5.62 -5.69
C GLU A 212 -14.85 -5.04 -4.97
N SER A 213 -15.82 -4.55 -5.75
CA SER A 213 -17.03 -3.95 -5.19
CA SER A 213 -17.03 -3.95 -5.19
C SER A 213 -17.93 -4.96 -4.48
N LYS A 214 -18.04 -6.17 -5.03
CA LYS A 214 -18.88 -7.18 -4.41
C LYS A 214 -18.18 -7.73 -3.19
N LEU A 215 -16.86 -7.85 -3.28
CA LEU A 215 -16.07 -8.34 -2.13
C LEU A 215 -16.34 -7.49 -0.90
N PHE A 216 -16.38 -6.16 -1.07
CA PHE A 216 -16.69 -5.25 0.03
C PHE A 216 -17.99 -5.65 0.74
N GLU A 217 -19.02 -5.94 -0.06
CA GLU A 217 -20.33 -6.25 0.48
C GLU A 217 -20.31 -7.61 1.17
N LYS A 218 -19.65 -8.57 0.54
CA LYS A 218 -19.55 -9.94 1.07
C LYS A 218 -18.85 -9.97 2.43
N ILE A 219 -17.78 -9.18 2.57
CA ILE A 219 -17.02 -9.11 3.80
C ILE A 219 -17.91 -8.49 4.88
N LYS A 220 -18.63 -7.42 4.52
CA LYS A 220 -19.59 -6.78 5.41
C LYS A 220 -20.66 -7.79 5.91
N GLU A 221 -21.26 -8.51 4.96
CA GLU A 221 -22.32 -9.51 5.22
C GLU A 221 -21.82 -10.66 6.11
N GLY A 222 -20.61 -11.14 5.82
CA GLY A 222 -19.89 -12.11 6.66
C GLY A 222 -20.38 -13.54 6.58
N TYR A 223 -21.13 -13.86 5.55
CA TYR A 223 -21.55 -15.25 5.30
C TYR A 223 -20.54 -15.88 4.34
N TYR A 224 -19.60 -16.63 4.88
CA TYR A 224 -18.55 -17.23 4.05
C TYR A 224 -18.96 -18.59 3.46
N GLU A 225 -18.36 -18.91 2.33
CA GLU A 225 -18.69 -20.09 1.56
C GLU A 225 -17.46 -20.98 1.41
N PHE A 226 -17.72 -22.28 1.30
CA PHE A 226 -16.69 -23.31 1.30
C PHE A 226 -17.08 -24.22 0.15
N GLU A 227 -16.66 -23.76 -1.04
CA GLU A 227 -17.17 -24.25 -2.31
C GLU A 227 -16.69 -25.64 -2.65
N SER A 228 -17.53 -26.39 -3.39
CA SER A 228 -17.11 -27.64 -4.01
C SER A 228 -16.44 -27.40 -5.37
N PRO A 229 -15.49 -28.28 -5.74
CA PRO A 229 -15.02 -29.46 -4.96
C PRO A 229 -13.97 -29.17 -3.86
N PHE A 230 -13.45 -27.95 -3.80
CA PHE A 230 -12.22 -27.64 -3.02
C PHE A 230 -12.34 -27.96 -1.53
N TRP A 231 -13.52 -27.74 -0.98
CA TRP A 231 -13.75 -27.91 0.44
C TRP A 231 -14.45 -29.20 0.79
N ASP A 232 -14.63 -30.08 -0.20
CA ASP A 232 -15.41 -31.32 0.01
C ASP A 232 -14.86 -32.24 1.13
N ASP A 233 -13.54 -32.35 1.20
CA ASP A 233 -12.86 -33.23 2.14
C ASP A 233 -12.26 -32.52 3.34
N ILE A 234 -12.69 -31.28 3.56
CA ILE A 234 -12.27 -30.51 4.73
C ILE A 234 -13.29 -30.68 5.85
N SER A 235 -12.76 -30.80 7.06
CA SER A 235 -13.55 -30.96 8.28
C SER A 235 -14.49 -29.80 8.59
N GLU A 236 -15.63 -30.13 9.16
CA GLU A 236 -16.56 -29.14 9.67
C GLU A 236 -15.88 -28.31 10.77
N SER A 237 -15.05 -28.96 11.58
CA SER A 237 -14.29 -28.22 12.61
C SER A 237 -13.43 -27.05 12.04
N ALA A 238 -12.72 -27.30 10.94
CA ALA A 238 -11.90 -26.27 10.27
C ALA A 238 -12.74 -25.09 9.83
N LYS A 239 -13.90 -25.38 9.25
CA LYS A 239 -14.81 -24.36 8.75
C LYS A 239 -15.38 -23.54 9.91
N ASP A 240 -15.78 -24.25 10.97
CA ASP A 240 -16.24 -23.62 12.20
C ASP A 240 -15.18 -22.65 12.77
N PHE A 241 -13.96 -23.12 12.88
CA PHE A 241 -12.83 -22.34 13.39
C PHE A 241 -12.66 -21.07 12.56
N ILE A 242 -12.57 -21.24 11.23
CA ILE A 242 -12.41 -20.10 10.32
C ILE A 242 -13.53 -19.06 10.50
N CYS A 243 -14.79 -19.52 10.55
CA CYS A 243 -15.92 -18.61 10.71
C CYS A 243 -15.85 -17.78 12.00
N HIS A 244 -15.30 -18.34 13.07
CA HIS A 244 -15.17 -17.61 14.34
C HIS A 244 -14.15 -16.47 14.27
N LEU A 245 -13.15 -16.61 13.39
CA LEU A 245 -12.17 -15.53 13.13
C LEU A 245 -12.60 -14.52 12.05
N LEU A 246 -13.38 -14.97 11.06
CA LEU A 246 -13.90 -14.10 10.01
C LEU A 246 -15.19 -13.37 10.42
N GLU A 247 -15.77 -13.78 11.56
CA GLU A 247 -16.92 -13.13 12.18
C GLU A 247 -16.91 -11.59 11.99
N LYS A 248 -18.00 -11.08 11.42
CA LYS A 248 -18.07 -9.66 11.01
C LYS A 248 -18.02 -8.69 12.20
N ASP A 249 -18.62 -9.09 13.32
CA ASP A 249 -18.70 -8.24 14.51
C ASP A 249 -17.41 -8.43 15.32
N PRO A 250 -16.56 -7.37 15.39
CA PRO A 250 -15.30 -7.53 16.11
C PRO A 250 -15.41 -7.83 17.63
N ASN A 251 -16.55 -7.53 18.25
CA ASN A 251 -16.76 -7.90 19.64
C ASN A 251 -17.11 -9.39 19.81
N GLU A 252 -17.65 -10.00 18.77
CA GLU A 252 -18.00 -11.43 18.76
C GLU A 252 -16.88 -12.33 18.23
N ARG A 253 -15.94 -11.71 17.51
CA ARG A 253 -14.83 -12.42 16.86
C ARG A 253 -13.94 -13.06 17.89
N TYR A 254 -13.44 -14.25 17.61
CA TYR A 254 -12.40 -14.84 18.44
C TYR A 254 -11.17 -13.94 18.55
N THR A 255 -10.66 -13.84 19.78
CA THR A 255 -9.31 -13.36 20.10
C THR A 255 -8.35 -14.52 19.84
N CYS A 256 -7.05 -14.24 19.83
CA CYS A 256 -6.05 -15.28 19.64
C CYS A 256 -6.17 -16.33 20.75
N GLU A 257 -6.35 -15.86 21.98
CA GLU A 257 -6.55 -16.74 23.16
C GLU A 257 -7.70 -17.73 22.92
N LYS A 258 -8.85 -17.24 22.48
CA LYS A 258 -10.02 -18.08 22.26
C LYS A 258 -9.79 -19.04 21.08
N ALA A 259 -9.19 -18.54 20.02
CA ALA A 259 -8.82 -19.37 18.88
C ALA A 259 -7.86 -20.52 19.26
N LEU A 260 -6.89 -20.23 20.13
CA LEU A 260 -5.94 -21.26 20.57
C LEU A 260 -6.58 -22.43 21.35
N SER A 261 -7.77 -22.21 21.87
CA SER A 261 -8.51 -23.22 22.65
C SER A 261 -9.55 -24.00 21.78
N HIS A 262 -9.69 -23.65 20.50
CA HIS A 262 -10.65 -24.31 19.63
C HIS A 262 -10.12 -25.72 19.32
N PRO A 263 -11.03 -26.72 19.28
CA PRO A 263 -10.63 -28.11 19.00
C PRO A 263 -9.73 -28.32 17.77
N TRP A 264 -9.94 -27.54 16.71
CA TRP A 264 -9.12 -27.67 15.52
C TRP A 264 -7.65 -27.34 15.75
N ILE A 265 -7.39 -26.41 16.66
CA ILE A 265 -6.04 -26.05 17.06
C ILE A 265 -5.54 -26.90 18.24
N ASP A 266 -6.36 -26.97 19.29
CA ASP A 266 -5.90 -27.47 20.59
C ASP A 266 -6.21 -28.93 20.82
N GLY A 267 -7.20 -29.44 20.08
CA GLY A 267 -7.65 -30.81 20.21
C GLY A 267 -7.24 -31.64 19.00
N ASN A 268 -8.13 -32.54 18.58
CA ASN A 268 -7.76 -33.53 17.57
C ASN A 268 -8.77 -33.63 16.40
N THR A 269 -9.42 -32.51 16.09
CA THR A 269 -10.39 -32.43 14.99
C THR A 269 -9.73 -32.17 13.62
N ALA A 270 -8.48 -31.71 13.61
CA ALA A 270 -7.75 -31.46 12.35
C ALA A 270 -7.47 -32.79 11.66
N LEU A 271 -7.88 -32.90 10.41
CA LEU A 271 -7.71 -34.12 9.64
C LEU A 271 -6.27 -34.31 9.12
N HIS A 272 -5.98 -35.56 8.75
CA HIS A 272 -4.67 -35.99 8.29
C HIS A 272 -4.72 -36.50 6.83
N ARG A 273 -5.85 -36.22 6.17
CA ARG A 273 -6.06 -36.49 4.74
C ARG A 273 -5.13 -35.62 3.86
N ASP A 274 -4.57 -36.21 2.82
CA ASP A 274 -3.72 -35.46 1.89
C ASP A 274 -4.56 -34.54 1.02
N ILE A 275 -4.39 -33.24 1.22
CA ILE A 275 -5.08 -32.23 0.42
C ILE A 275 -4.12 -31.51 -0.51
N TYR A 276 -2.88 -31.99 -0.59
CA TYR A 276 -1.89 -31.35 -1.45
C TYR A 276 -2.31 -31.22 -2.91
N PRO A 277 -2.88 -32.29 -3.50
CA PRO A 277 -3.24 -32.19 -4.91
C PRO A 277 -4.09 -30.98 -5.23
N SER A 278 -5.20 -30.76 -4.53
CA SER A 278 -6.06 -29.60 -4.81
C SER A 278 -5.43 -28.27 -4.38
N VAL A 279 -4.90 -28.23 -3.16
CA VAL A 279 -4.35 -26.98 -2.64
C VAL A 279 -3.18 -26.51 -3.50
N SER A 280 -2.30 -27.43 -3.93
CA SER A 280 -1.13 -27.08 -4.72
C SER A 280 -1.51 -26.56 -6.11
N LEU A 281 -2.55 -27.13 -6.72
CA LEU A 281 -3.02 -26.66 -8.03
C LEU A 281 -3.54 -25.23 -7.88
N GLN A 282 -4.37 -25.01 -6.87
CA GLN A 282 -4.92 -23.68 -6.62
C GLN A 282 -3.81 -22.65 -6.32
N ILE A 283 -2.78 -23.02 -5.57
CA ILE A 283 -1.68 -22.08 -5.30
C ILE A 283 -1.00 -21.69 -6.62
N GLN A 284 -0.74 -22.69 -7.46
CA GLN A 284 -0.17 -22.48 -8.78
C GLN A 284 -1.05 -21.60 -9.66
N LYS A 285 -2.37 -21.79 -9.61
CA LYS A 285 -3.31 -21.06 -10.44
CA LYS A 285 -3.29 -21.04 -10.46
C LYS A 285 -3.51 -19.60 -9.96
N ASN A 286 -3.42 -19.40 -8.64
CA ASN A 286 -3.95 -18.20 -8.02
C ASN A 286 -2.94 -17.23 -7.44
N PHE A 287 -1.73 -17.72 -7.17
CA PHE A 287 -0.68 -16.88 -6.64
C PHE A 287 0.05 -16.23 -7.81
N ALA A 288 0.11 -14.89 -7.73
CA ALA A 288 0.63 -14.01 -8.79
C ALA A 288 2.03 -14.40 -9.25
N LYS A 289 2.84 -14.86 -8.30
CA LYS A 289 4.26 -15.17 -8.52
C LYS A 289 4.52 -16.61 -8.91
N SER A 290 3.47 -17.39 -9.10
CA SER A 290 3.63 -18.82 -9.41
C SER A 290 4.28 -19.03 -10.79
N THR B 4 -0.46 -11.32 -35.41
CA THR B 4 -0.02 -11.32 -33.99
C THR B 4 1.35 -10.65 -33.83
N THR B 5 1.72 -10.35 -32.59
CA THR B 5 3.02 -9.80 -32.26
C THR B 5 3.58 -10.50 -31.02
N ASN B 6 4.90 -10.59 -30.94
CA ASN B 6 5.56 -10.96 -29.70
C ASN B 6 6.02 -9.66 -29.04
N ILE B 7 5.37 -9.33 -27.93
CA ILE B 7 5.66 -8.08 -27.22
C ILE B 7 7.14 -8.04 -26.83
N ARG B 8 7.67 -9.18 -26.40
CA ARG B 8 9.08 -9.27 -25.97
C ARG B 8 10.08 -9.19 -27.13
N LYS B 9 9.61 -9.25 -28.37
CA LYS B 9 10.44 -8.99 -29.56
C LYS B 9 10.22 -7.57 -30.07
N THR B 10 8.97 -7.13 -30.09
CA THR B 10 8.61 -5.77 -30.44
C THR B 10 9.35 -4.73 -29.56
N PHE B 11 9.51 -5.03 -28.28
CA PHE B 11 9.99 -4.06 -27.31
C PHE B 11 11.22 -4.53 -26.54
N ILE B 12 12.15 -3.61 -26.30
CA ILE B 12 13.24 -3.87 -25.37
C ILE B 12 12.76 -3.42 -23.99
N PHE B 13 12.76 -4.33 -23.00
CA PHE B 13 12.34 -3.96 -21.64
C PHE B 13 13.54 -3.45 -20.85
N MET B 14 13.47 -2.18 -20.42
CA MET B 14 14.66 -1.44 -19.96
C MET B 14 14.76 -1.25 -18.45
N GLU B 15 13.65 -0.89 -17.82
CA GLU B 15 13.60 -0.81 -16.35
C GLU B 15 12.18 -0.80 -15.86
N VAL B 16 12.00 -1.16 -14.59
CA VAL B 16 10.67 -1.19 -13.99
C VAL B 16 10.40 0.20 -13.46
N LEU B 17 9.30 0.82 -13.91
CA LEU B 17 8.93 2.17 -13.47
C LEU B 17 7.99 2.15 -12.28
N GLY B 18 7.22 1.09 -12.14
CA GLY B 18 6.35 0.94 -10.98
C GLY B 18 5.73 -0.43 -10.95
N SER B 19 5.20 -0.81 -9.80
CA SER B 19 4.63 -2.14 -9.63
C SER B 19 3.51 -2.10 -8.58
N GLY B 20 2.39 -2.74 -8.91
CA GLY B 20 1.22 -2.84 -8.05
C GLY B 20 0.75 -4.27 -7.92
N ALA B 21 -0.45 -4.44 -7.36
CA ALA B 21 -1.01 -5.78 -7.10
C ALA B 21 -1.15 -6.60 -8.38
N PHE B 22 -1.72 -5.99 -9.42
CA PHE B 22 -1.99 -6.73 -10.66
C PHE B 22 -1.59 -5.96 -11.92
N SER B 23 -0.78 -4.93 -11.74
CA SER B 23 -0.27 -4.15 -12.85
C SER B 23 1.14 -3.69 -12.53
N GLU B 24 1.89 -3.42 -13.59
CA GLU B 24 3.28 -2.96 -13.50
C GLU B 24 3.56 -2.13 -14.74
N VAL B 25 4.55 -1.25 -14.65
CA VAL B 25 4.88 -0.36 -15.75
C VAL B 25 6.37 -0.46 -16.01
N PHE B 26 6.74 -0.70 -17.27
CA PHE B 26 8.13 -0.72 -17.68
C PHE B 26 8.47 0.40 -18.63
N LEU B 27 9.71 0.85 -18.54
CA LEU B 27 10.32 1.69 -19.55
C LEU B 27 10.68 0.74 -20.68
N VAL B 28 10.14 1.00 -21.88
CA VAL B 28 10.43 0.15 -23.05
C VAL B 28 10.88 0.99 -24.24
N LYS B 29 11.64 0.36 -25.14
CA LYS B 29 12.04 0.95 -26.40
C LYS B 29 11.44 0.08 -27.50
N GLN B 30 10.67 0.68 -28.39
CA GLN B 30 10.17 -0.04 -29.56
C GLN B 30 11.37 -0.27 -30.48
N ARG B 31 11.70 -1.55 -30.74
CA ARG B 31 12.92 -1.90 -31.48
C ARG B 31 12.94 -1.27 -32.85
N LEU B 32 11.78 -1.30 -33.51
CA LEU B 32 11.68 -0.86 -34.91
C LEU B 32 12.04 0.61 -35.08
N THR B 33 11.58 1.43 -34.13
CA THR B 33 11.62 2.87 -34.25
C THR B 33 12.63 3.54 -33.32
N GLY B 34 13.03 2.84 -32.27
CA GLY B 34 13.94 3.36 -31.25
C GLY B 34 13.25 4.25 -30.22
N LYS B 35 11.94 4.44 -30.37
CA LYS B 35 11.18 5.36 -29.51
C LYS B 35 10.87 4.75 -28.16
N LEU B 36 10.84 5.59 -27.13
CA LEU B 36 10.61 5.15 -25.75
C LEU B 36 9.16 5.36 -25.33
N PHE B 37 8.65 4.41 -24.55
CA PHE B 37 7.30 4.45 -24.02
C PHE B 37 7.27 3.89 -22.60
N ALA B 38 6.16 4.15 -21.92
CA ALA B 38 5.77 3.49 -20.67
C ALA B 38 4.75 2.40 -20.98
N LEU B 39 5.13 1.14 -20.78
CA LEU B 39 4.26 0.00 -21.10
C LEU B 39 3.59 -0.51 -19.83
N LYS B 40 2.29 -0.31 -19.71
CA LYS B 40 1.57 -0.72 -18.53
C LYS B 40 0.97 -2.10 -18.79
N CYS B 41 1.49 -3.08 -18.05
CA CYS B 41 1.04 -4.46 -18.14
CA CYS B 41 1.07 -4.47 -18.13
C CYS B 41 0.07 -4.77 -17.01
N ILE B 42 -1.15 -5.18 -17.38
CA ILE B 42 -2.27 -5.40 -16.49
C ILE B 42 -2.74 -6.87 -16.58
N LYS B 43 -2.76 -7.53 -15.43
CA LYS B 43 -3.20 -8.95 -15.33
C LYS B 43 -4.72 -8.99 -15.32
N LYS B 44 -5.31 -9.77 -16.23
CA LYS B 44 -6.78 -9.90 -16.30
C LYS B 44 -7.38 -10.50 -15.00
N SER B 51 -15.64 -7.40 -16.76
CA SER B 51 -15.97 -6.45 -17.84
C SER B 51 -15.63 -5.00 -17.50
N SER B 52 -15.60 -4.67 -16.20
CA SER B 52 -15.25 -3.31 -15.75
C SER B 52 -13.95 -2.80 -16.39
N LEU B 53 -12.92 -3.65 -16.40
CA LEU B 53 -11.61 -3.27 -16.97
C LEU B 53 -11.69 -3.09 -18.49
N GLU B 54 -12.46 -3.97 -19.13
CA GLU B 54 -12.64 -3.88 -20.57
C GLU B 54 -13.43 -2.61 -20.94
N ASN B 55 -14.43 -2.23 -20.15
CA ASN B 55 -15.20 -1.01 -20.44
C ASN B 55 -14.35 0.26 -20.24
N GLU B 56 -13.51 0.29 -19.23
CA GLU B 56 -12.62 1.44 -18.98
C GLU B 56 -11.64 1.64 -20.15
N ILE B 57 -11.04 0.53 -20.62
CA ILE B 57 -10.20 0.54 -21.82
C ILE B 57 -10.95 1.13 -23.01
N ALA B 58 -12.20 0.71 -23.21
CA ALA B 58 -13.05 1.31 -24.23
C ALA B 58 -13.07 2.84 -24.13
N VAL B 59 -13.28 3.37 -22.92
CA VAL B 59 -13.31 4.81 -22.67
C VAL B 59 -11.93 5.44 -22.93
N LEU B 60 -10.89 4.78 -22.44
CA LEU B 60 -9.50 5.24 -22.54
C LEU B 60 -9.09 5.47 -23.99
N LYS B 61 -9.57 4.60 -24.89
CA LYS B 61 -9.36 4.78 -26.34
C LYS B 61 -9.97 6.06 -26.90
N LYS B 62 -11.12 6.48 -26.36
CA LYS B 62 -11.88 7.60 -26.88
C LYS B 62 -11.41 8.96 -26.35
N ILE B 63 -10.93 8.98 -25.11
CA ILE B 63 -10.68 10.26 -24.45
C ILE B 63 -9.31 10.86 -24.80
N LYS B 64 -9.26 12.18 -24.77
CA LYS B 64 -8.08 12.94 -25.20
C LYS B 64 -7.95 14.19 -24.32
N HIS B 65 -6.80 14.34 -23.66
CA HIS B 65 -6.58 15.48 -22.75
C HIS B 65 -5.10 15.80 -22.67
N GLU B 66 -4.76 17.09 -22.74
CA GLU B 66 -3.36 17.52 -22.80
C GLU B 66 -2.58 17.22 -21.49
N ASN B 67 -3.30 17.04 -20.40
CA ASN B 67 -2.71 16.72 -19.09
C ASN B 67 -2.85 15.21 -18.67
N ILE B 68 -3.26 14.36 -19.60
CA ILE B 68 -3.34 12.90 -19.34
C ILE B 68 -2.47 12.19 -20.35
N VAL B 69 -1.57 11.34 -19.84
CA VAL B 69 -0.71 10.50 -20.70
C VAL B 69 -1.54 9.81 -21.79
N THR B 70 -1.04 9.87 -23.01
CA THR B 70 -1.72 9.33 -24.17
C THR B 70 -1.57 7.82 -24.25
N LEU B 71 -2.67 7.15 -24.57
CA LEU B 71 -2.69 5.73 -24.90
C LEU B 71 -2.32 5.56 -26.37
N GLU B 72 -1.16 4.99 -26.64
CA GLU B 72 -0.66 4.91 -28.01
C GLU B 72 -1.10 3.64 -28.73
N ASP B 73 -1.18 2.54 -27.99
CA ASP B 73 -1.55 1.22 -28.54
C ASP B 73 -1.93 0.29 -27.40
N ILE B 74 -2.75 -0.71 -27.73
CA ILE B 74 -3.17 -1.75 -26.78
C ILE B 74 -2.90 -3.09 -27.45
N TYR B 75 -2.19 -3.95 -26.75
CA TYR B 75 -2.07 -5.35 -27.15
C TYR B 75 -2.78 -6.20 -26.09
N GLU B 76 -3.31 -7.33 -26.51
CA GLU B 76 -4.01 -8.21 -25.58
C GLU B 76 -3.68 -9.66 -25.81
N SER B 77 -3.43 -10.37 -24.70
CA SER B 77 -3.23 -11.82 -24.68
C SER B 77 -4.35 -12.43 -23.88
N THR B 78 -4.31 -13.75 -23.72
CA THR B 78 -5.35 -14.43 -22.93
C THR B 78 -5.30 -14.04 -21.44
N THR B 79 -4.14 -13.63 -20.97
CA THR B 79 -3.94 -13.34 -19.55
C THR B 79 -3.74 -11.84 -19.22
N HIS B 80 -3.30 -11.06 -20.20
CA HIS B 80 -2.91 -9.65 -19.94
C HIS B 80 -3.36 -8.64 -21.00
N TYR B 81 -3.52 -7.39 -20.56
CA TYR B 81 -3.53 -6.20 -21.43
C TYR B 81 -2.16 -5.53 -21.35
N TYR B 82 -1.66 -5.04 -22.48
CA TYR B 82 -0.42 -4.28 -22.54
C TYR B 82 -0.70 -2.91 -23.16
N LEU B 83 -0.60 -1.88 -22.33
CA LEU B 83 -1.01 -0.53 -22.67
C LEU B 83 0.26 0.24 -22.97
N VAL B 84 0.44 0.64 -24.24
CA VAL B 84 1.61 1.42 -24.63
C VAL B 84 1.26 2.89 -24.43
N MET B 85 1.83 3.46 -23.36
CA MET B 85 1.50 4.82 -22.92
C MET B 85 2.63 5.79 -23.23
N GLN B 86 2.27 7.05 -23.35
CA GLN B 86 3.24 8.15 -23.44
C GLN B 86 4.18 8.17 -22.23
N LEU B 87 5.49 8.30 -22.48
CA LEU B 87 6.47 8.42 -21.43
C LEU B 87 6.71 9.90 -21.13
N VAL B 88 6.75 10.19 -19.85
CA VAL B 88 7.05 11.53 -19.34
C VAL B 88 8.55 11.63 -19.04
N SER B 89 9.13 12.83 -19.17
CA SER B 89 10.57 12.98 -18.95
C SER B 89 10.94 14.21 -18.09
N GLY B 90 9.94 14.87 -17.53
CA GLY B 90 10.14 16.15 -16.83
C GLY B 90 10.30 16.09 -15.32
N GLY B 91 10.20 14.91 -14.74
CA GLY B 91 10.38 14.70 -13.31
C GLY B 91 9.18 15.04 -12.45
N GLU B 92 9.36 14.81 -11.14
CA GLU B 92 8.27 14.84 -10.16
C GLU B 92 7.90 16.28 -9.79
N LEU B 93 6.63 16.47 -9.43
CA LEU B 93 6.09 17.80 -9.14
C LEU B 93 6.93 18.53 -8.09
N PHE B 94 7.17 17.86 -6.97
CA PHE B 94 7.91 18.53 -5.91
C PHE B 94 9.41 18.74 -6.17
N ASP B 95 10.05 17.83 -6.89
CA ASP B 95 11.45 18.07 -7.30
C ASP B 95 11.61 19.30 -8.20
N ARG B 96 10.65 19.52 -9.10
CA ARG B 96 10.73 20.67 -9.98
CA ARG B 96 10.64 20.68 -10.01
C ARG B 96 10.52 21.99 -9.23
N ILE B 97 9.65 22.00 -8.23
CA ILE B 97 9.51 23.21 -7.40
C ILE B 97 10.85 23.61 -6.76
N LEU B 98 11.59 22.62 -6.23
CA LEU B 98 12.92 22.88 -5.65
C LEU B 98 13.92 23.44 -6.65
N GLU B 99 13.84 22.98 -7.90
CA GLU B 99 14.71 23.46 -8.99
C GLU B 99 14.36 24.86 -9.49
N ARG B 100 13.20 25.39 -9.11
CA ARG B 100 12.76 26.70 -9.61
C ARG B 100 13.62 27.90 -9.18
N GLY B 101 13.89 28.01 -7.89
CA GLY B 101 14.54 29.23 -7.33
C GLY B 101 13.63 30.42 -7.03
N VAL B 102 12.48 30.48 -7.71
CA VAL B 102 11.41 31.47 -7.45
C VAL B 102 10.09 30.74 -7.61
N TYR B 103 9.07 31.09 -6.82
CA TYR B 103 7.84 30.27 -6.76
C TYR B 103 6.71 31.06 -6.05
N THR B 104 5.52 31.05 -6.64
CA THR B 104 4.37 31.81 -6.17
C THR B 104 3.11 30.97 -6.07
N GLU B 105 2.12 31.47 -5.35
CA GLU B 105 0.76 30.90 -5.36
C GLU B 105 0.24 30.67 -6.77
N LYS B 106 0.46 31.63 -7.67
CA LYS B 106 -0.03 31.51 -9.05
C LYS B 106 0.61 30.32 -9.78
N ASP B 107 1.87 30.02 -9.46
CA ASP B 107 2.56 28.84 -10.00
C ASP B 107 1.86 27.56 -9.54
N ALA B 108 1.59 27.49 -8.23
CA ALA B 108 0.81 26.39 -7.63
C ALA B 108 -0.58 26.29 -8.23
N SER B 109 -1.27 27.42 -8.36
CA SER B 109 -2.63 27.48 -8.88
C SER B 109 -2.69 26.94 -10.32
N LEU B 110 -1.72 27.31 -11.15
CA LEU B 110 -1.67 26.82 -12.55
C LEU B 110 -1.46 25.30 -12.62
N VAL B 111 -0.64 24.76 -11.73
CA VAL B 111 -0.46 23.28 -11.62
C VAL B 111 -1.79 22.63 -11.21
N ILE B 112 -2.43 23.14 -10.17
CA ILE B 112 -3.69 22.59 -9.68
C ILE B 112 -4.84 22.75 -10.69
N GLN B 113 -4.88 23.86 -11.41
CA GLN B 113 -5.85 24.01 -12.50
C GLN B 113 -5.75 22.84 -13.51
N GLN B 114 -4.52 22.49 -13.88
CA GLN B 114 -4.30 21.38 -14.82
C GLN B 114 -4.76 20.04 -14.25
N VAL B 115 -4.43 19.79 -12.98
CA VAL B 115 -4.83 18.55 -12.30
C VAL B 115 -6.36 18.44 -12.20
N LEU B 116 -7.00 19.53 -11.77
CA LEU B 116 -8.46 19.62 -11.70
C LEU B 116 -9.12 19.38 -13.08
N SER B 117 -8.53 19.94 -14.13
CA SER B 117 -9.05 19.79 -15.50
C SER B 117 -9.01 18.33 -15.92
N ALA B 118 -7.85 17.71 -15.70
CA ALA B 118 -7.63 16.31 -16.06
C ALA B 118 -8.56 15.37 -15.31
N VAL B 119 -8.68 15.57 -13.99
CA VAL B 119 -9.52 14.73 -13.12
C VAL B 119 -11.02 14.97 -13.35
N LYS B 120 -11.42 16.23 -13.57
CA LYS B 120 -12.82 16.54 -14.01
C LYS B 120 -13.19 15.72 -15.25
N TYR B 121 -12.24 15.62 -16.18
CA TYR B 121 -12.43 14.91 -17.44
C TYR B 121 -12.53 13.39 -17.22
N LEU B 122 -11.65 12.83 -16.41
CA LEU B 122 -11.82 11.43 -15.97
C LEU B 122 -13.21 11.19 -15.35
N HIS B 123 -13.60 12.06 -14.41
CA HIS B 123 -14.82 11.91 -13.66
C HIS B 123 -16.06 11.97 -14.56
N GLU B 124 -16.03 12.87 -15.52
CA GLU B 124 -17.15 13.02 -16.48
CA GLU B 124 -17.19 12.99 -16.43
C GLU B 124 -17.29 11.83 -17.42
N ASN B 125 -16.23 11.03 -17.53
CA ASN B 125 -16.20 9.82 -18.32
C ASN B 125 -16.23 8.55 -17.45
N GLY B 126 -16.62 8.75 -16.18
CA GLY B 126 -16.86 7.67 -15.22
C GLY B 126 -15.62 6.98 -14.68
N ILE B 127 -14.47 7.65 -14.72
CA ILE B 127 -13.22 7.05 -14.26
C ILE B 127 -12.77 7.78 -13.00
N VAL B 128 -12.53 7.01 -11.94
CA VAL B 128 -11.99 7.54 -10.68
C VAL B 128 -10.49 7.33 -10.73
N HIS B 129 -9.75 8.39 -10.37
CA HIS B 129 -8.31 8.35 -10.43
C HIS B 129 -7.73 7.27 -9.51
N ARG B 130 -8.14 7.31 -8.23
CA ARG B 130 -7.63 6.46 -7.14
C ARG B 130 -6.27 6.88 -6.58
N ASP B 131 -6.22 6.94 -5.25
CA ASP B 131 -4.98 6.99 -4.50
C ASP B 131 -4.03 8.05 -5.09
N LEU B 132 -4.57 9.25 -5.35
CA LEU B 132 -3.82 10.31 -6.01
C LEU B 132 -2.74 10.85 -5.06
N LYS B 133 -1.47 10.60 -5.42
CA LYS B 133 -0.29 10.96 -4.62
C LYS B 133 0.60 11.92 -5.45
N PRO B 134 1.44 12.70 -4.75
CA PRO B 134 2.39 13.60 -5.39
C PRO B 134 3.22 12.97 -6.50
N GLU B 135 3.66 11.73 -6.25
CA GLU B 135 4.50 10.92 -7.15
C GLU B 135 3.84 10.68 -8.50
N ASN B 136 2.52 10.69 -8.54
CA ASN B 136 1.76 10.43 -9.77
C ASN B 136 1.82 11.58 -10.76
N LEU B 137 2.12 12.76 -10.24
CA LEU B 137 2.03 13.99 -11.03
C LEU B 137 3.43 14.30 -11.54
N LEU B 138 3.64 14.12 -12.84
CA LEU B 138 4.98 14.22 -13.44
C LEU B 138 4.91 15.23 -14.56
N TYR B 139 5.95 16.05 -14.70
CA TYR B 139 6.01 16.99 -15.82
C TYR B 139 6.32 16.25 -17.13
N LEU B 140 5.65 16.64 -18.19
CA LEU B 140 5.83 16.02 -19.51
C LEU B 140 7.28 16.10 -20.02
N THR B 141 7.87 17.30 -19.95
CA THR B 141 9.25 17.54 -20.38
C THR B 141 9.99 18.38 -19.34
N PRO B 142 11.34 18.43 -19.44
CA PRO B 142 12.14 19.29 -18.55
C PRO B 142 11.94 20.81 -18.73
N GLU B 143 11.22 21.21 -19.77
CA GLU B 143 10.96 22.64 -20.08
C GLU B 143 10.23 23.38 -18.94
N GLU B 144 10.65 24.61 -18.68
CA GLU B 144 10.06 25.43 -17.61
C GLU B 144 8.53 25.52 -17.66
N ASN B 145 7.99 25.65 -18.87
CA ASN B 145 6.53 25.79 -19.06
C ASN B 145 5.83 24.46 -19.31
N SER B 146 6.48 23.34 -19.00
CA SER B 146 5.91 22.03 -19.26
C SER B 146 4.57 21.83 -18.57
N LYS B 147 3.68 21.12 -19.25
CA LYS B 147 2.43 20.65 -18.67
C LYS B 147 2.74 19.65 -17.57
N ILE B 148 1.87 19.60 -16.57
CA ILE B 148 1.90 18.55 -15.56
C ILE B 148 0.96 17.45 -16.04
N MET B 149 1.33 16.20 -15.82
CA MET B 149 0.59 15.04 -16.36
C MET B 149 0.09 14.11 -15.28
N ILE B 150 -1.14 13.62 -15.42
CA ILE B 150 -1.59 12.46 -14.67
C ILE B 150 -1.12 11.23 -15.47
N THR B 151 -0.70 10.20 -14.73
CA THR B 151 0.05 9.09 -15.28
C THR B 151 -0.66 7.76 -14.98
N ASP B 152 -0.46 7.26 -13.77
CA ASP B 152 -1.13 6.05 -13.30
C ASP B 152 -2.49 6.43 -12.67
N PHE B 153 -3.58 5.86 -13.18
CA PHE B 153 -4.93 6.17 -12.71
C PHE B 153 -5.90 5.06 -13.14
N GLY B 154 -7.07 5.06 -12.50
CA GLY B 154 -8.16 4.14 -12.88
C GLY B 154 -8.14 2.82 -12.15
N LEU B 155 -8.94 1.89 -12.67
CA LEU B 155 -9.10 0.58 -12.08
C LEU B 155 -7.78 -0.11 -11.84
N SER B 156 -6.84 0.08 -12.78
CA SER B 156 -5.51 -0.56 -12.73
C SER B 156 -4.41 0.23 -12.00
N LYS B 157 -4.78 1.29 -11.29
CA LYS B 157 -3.85 2.01 -10.41
C LYS B 157 -2.97 1.01 -9.63
N MET B 158 -1.66 1.27 -9.63
CA MET B 158 -0.69 0.47 -8.88
C MET B 158 -0.74 0.78 -7.38
N GLU B 159 -1.43 -0.09 -6.66
CA GLU B 159 -1.58 0.00 -5.21
C GLU B 159 -1.46 -1.42 -4.66
N GLN B 160 -1.09 -1.51 -3.39
CA GLN B 160 -1.12 -2.79 -2.65
C GLN B 160 -2.08 -2.63 -1.48
N ASN B 161 -3.35 -2.96 -1.75
CA ASN B 161 -4.48 -2.77 -0.83
C ASN B 161 -5.00 -4.10 -0.22
N GLY B 162 -4.84 -4.26 1.08
CA GLY B 162 -5.43 -5.39 1.77
C GLY B 162 -4.45 -6.54 1.80
N ILE B 163 -4.84 -7.62 2.46
CA ILE B 163 -3.82 -8.60 2.81
C ILE B 163 -3.51 -9.62 1.68
N MET B 164 -4.29 -9.60 0.60
CA MET B 164 -4.07 -10.51 -0.54
C MET B 164 -3.56 -9.84 -1.83
N SER B 165 -3.17 -8.56 -1.74
CA SER B 165 -2.81 -7.80 -2.94
C SER B 165 -1.51 -8.34 -3.54
N THR B 166 -0.50 -8.55 -2.70
CA THR B 166 0.76 -9.07 -3.22
C THR B 166 0.65 -10.54 -3.55
N ALA B 167 -0.04 -11.31 -2.69
CA ALA B 167 -0.04 -12.78 -2.82
C ALA B 167 -0.75 -13.26 -4.09
N CYS B 168 -1.97 -12.76 -4.30
CA CYS B 168 -2.86 -13.22 -5.38
CA CYS B 168 -2.78 -13.23 -5.43
C CYS B 168 -3.23 -12.12 -6.36
N GLY B 169 -2.75 -10.89 -6.11
CA GLY B 169 -3.10 -9.78 -7.00
C GLY B 169 -4.53 -9.31 -6.86
N THR B 170 -5.12 -9.49 -5.68
CA THR B 170 -6.52 -9.20 -5.44
C THR B 170 -6.67 -8.23 -4.31
N PRO B 171 -7.11 -6.99 -4.61
CA PRO B 171 -7.23 -5.95 -3.59
C PRO B 171 -8.53 -6.11 -2.80
N GLY B 172 -8.60 -5.45 -1.64
CA GLY B 172 -9.87 -5.35 -0.93
C GLY B 172 -10.07 -6.27 0.25
N TYR B 173 -9.07 -7.10 0.57
CA TYR B 173 -9.14 -7.96 1.75
C TYR B 173 -8.79 -7.17 3.01
N VAL B 174 -9.82 -6.48 3.50
CA VAL B 174 -9.76 -5.60 4.65
C VAL B 174 -10.94 -5.91 5.59
N ALA B 175 -10.66 -6.02 6.89
CA ALA B 175 -11.64 -6.44 7.90
C ALA B 175 -12.89 -5.57 7.87
N PRO B 176 -14.07 -6.16 8.07
CA PRO B 176 -15.36 -5.51 7.80
C PRO B 176 -15.62 -4.22 8.60
N GLU B 177 -15.08 -4.13 9.80
CA GLU B 177 -15.29 -2.96 10.64
C GLU B 177 -14.47 -1.72 10.23
N VAL B 178 -13.47 -1.91 9.37
CA VAL B 178 -12.49 -0.85 9.07
C VAL B 178 -13.01 0.25 8.12
N LEU B 179 -13.63 -0.16 7.02
CA LEU B 179 -14.07 0.75 5.97
C LEU B 179 -15.56 1.08 6.08
N ALA B 180 -15.86 2.37 6.15
CA ALA B 180 -17.22 2.88 6.17
C ALA B 180 -17.80 2.85 4.75
N GLN B 181 -16.92 2.89 3.76
CA GLN B 181 -17.29 2.84 2.34
C GLN B 181 -16.06 2.37 1.55
N LYS B 182 -16.26 2.07 0.27
CA LYS B 182 -15.14 1.76 -0.61
C LYS B 182 -14.17 2.97 -0.62
N PRO B 183 -12.85 2.73 -0.62
CA PRO B 183 -11.86 3.78 -0.43
C PRO B 183 -11.53 4.67 -1.62
N TYR B 184 -12.27 4.50 -2.72
CA TYR B 184 -12.09 5.30 -3.94
CA TYR B 184 -12.09 5.31 -3.93
C TYR B 184 -13.44 5.92 -4.35
N SER B 185 -13.40 7.16 -4.82
CA SER B 185 -14.59 7.87 -5.24
C SER B 185 -14.15 9.17 -5.85
N LYS B 186 -15.07 9.79 -6.59
CA LYS B 186 -14.81 11.11 -7.12
C LYS B 186 -14.46 12.08 -5.98
N ALA B 187 -15.24 12.06 -4.89
CA ALA B 187 -15.00 12.96 -3.74
C ALA B 187 -13.64 12.73 -3.08
N VAL B 188 -13.25 11.46 -2.96
CA VAL B 188 -11.95 11.10 -2.40
C VAL B 188 -10.81 11.68 -3.25
N ASP B 189 -10.95 11.60 -4.57
CA ASP B 189 -10.00 12.23 -5.50
C ASP B 189 -9.90 13.73 -5.20
N CYS B 190 -11.05 14.38 -5.01
CA CYS B 190 -11.07 15.83 -4.75
C CYS B 190 -10.34 16.20 -3.45
N TRP B 191 -10.51 15.38 -2.43
CA TRP B 191 -9.83 15.55 -1.14
C TRP B 191 -8.32 15.48 -1.33
N SER B 192 -7.87 14.51 -2.13
CA SER B 192 -6.46 14.34 -2.42
C SER B 192 -5.90 15.56 -3.06
N ILE B 193 -6.62 16.14 -4.02
CA ILE B 193 -6.18 17.39 -4.66
C ILE B 193 -6.03 18.54 -3.61
N GLY B 194 -6.97 18.62 -2.68
CA GLY B 194 -6.87 19.55 -1.53
C GLY B 194 -5.58 19.41 -0.74
N VAL B 195 -5.21 18.18 -0.41
CA VAL B 195 -3.99 17.90 0.35
C VAL B 195 -2.76 18.30 -0.45
N ILE B 196 -2.77 17.98 -1.74
CA ILE B 196 -1.63 18.32 -2.59
C ILE B 196 -1.51 19.86 -2.69
N THR B 197 -2.63 20.56 -2.81
CA THR B 197 -2.60 22.05 -2.85
C THR B 197 -2.00 22.63 -1.55
N TYR B 198 -2.42 22.08 -0.41
CA TYR B 198 -1.90 22.48 0.89
C TYR B 198 -0.38 22.36 0.92
N ILE B 199 0.15 21.20 0.51
CA ILE B 199 1.59 20.97 0.51
C ILE B 199 2.30 21.91 -0.47
N LEU B 200 1.70 22.13 -1.62
CA LEU B 200 2.28 23.04 -2.63
C LEU B 200 2.50 24.47 -2.10
N LEU B 201 1.71 24.89 -1.10
CA LEU B 201 1.85 26.25 -0.58
C LEU B 201 2.66 26.41 0.72
N CYS B 202 3.07 25.29 1.34
CA CYS B 202 3.88 25.35 2.56
C CYS B 202 5.01 24.33 2.65
N GLY B 203 4.94 23.24 1.88
CA GLY B 203 5.99 22.21 1.93
C GLY B 203 5.76 21.13 2.98
N TYR B 204 4.61 21.12 3.64
CA TYR B 204 4.26 19.98 4.53
C TYR B 204 2.78 19.66 4.40
N PRO B 205 2.38 18.40 4.65
CA PRO B 205 0.97 18.06 4.63
C PRO B 205 0.25 18.54 5.92
N PRO B 206 -1.08 18.71 5.85
CA PRO B 206 -1.81 19.20 7.04
C PRO B 206 -1.63 18.26 8.23
N PHE B 207 -1.42 18.84 9.41
CA PHE B 207 -1.21 18.09 10.66
C PHE B 207 -0.01 17.13 10.60
N TYR B 208 1.01 17.50 9.83
CA TYR B 208 2.26 16.71 9.65
C TYR B 208 2.88 16.23 10.95
N GLU B 209 2.85 17.07 11.99
CA GLU B 209 3.49 16.73 13.26
C GLU B 209 2.61 15.98 14.26
N GLU B 210 1.41 15.56 13.85
CA GLU B 210 0.55 14.84 14.75
C GLU B 210 0.88 13.37 14.63
N THR B 211 0.58 12.62 15.69
CA THR B 211 0.65 11.17 15.64
C THR B 211 -0.41 10.61 14.67
N GLU B 212 -0.19 9.40 14.16
CA GLU B 212 -1.15 8.71 13.27
C GLU B 212 -2.56 8.67 13.88
N SER B 213 -2.64 8.40 15.19
CA SER B 213 -3.93 8.36 15.90
CA SER B 213 -3.92 8.35 15.90
C SER B 213 -4.62 9.71 15.97
N LYS B 214 -3.85 10.76 16.22
CA LYS B 214 -4.41 12.10 16.32
C LYS B 214 -4.81 12.57 14.92
N LEU B 215 -3.98 12.26 13.94
CA LEU B 215 -4.26 12.64 12.54
C LEU B 215 -5.62 12.12 12.10
N PHE B 216 -5.91 10.84 12.40
CA PHE B 216 -7.21 10.25 12.10
C PHE B 216 -8.36 11.10 12.64
N GLU B 217 -8.20 11.53 13.90
CA GLU B 217 -9.20 12.37 14.59
C GLU B 217 -9.33 13.73 13.93
N LYS B 218 -8.18 14.33 13.64
CA LYS B 218 -8.14 15.67 13.06
C LYS B 218 -8.71 15.75 11.64
N ILE B 219 -8.49 14.70 10.82
CA ILE B 219 -9.06 14.68 9.48
C ILE B 219 -10.61 14.66 9.52
N LYS B 220 -11.16 13.85 10.40
CA LYS B 220 -12.62 13.76 10.54
C LYS B 220 -13.24 15.02 11.15
N GLU B 221 -12.51 15.65 12.07
CA GLU B 221 -12.93 16.90 12.68
C GLU B 221 -12.93 18.05 11.67
N GLY B 222 -11.88 18.13 10.84
CA GLY B 222 -11.83 19.01 9.68
C GLY B 222 -11.59 20.49 9.95
N TYR B 223 -10.98 20.78 11.09
CA TYR B 223 -10.54 22.14 11.38
C TYR B 223 -9.09 22.37 10.99
N TYR B 224 -8.84 22.53 9.70
CA TYR B 224 -7.48 22.63 9.20
C TYR B 224 -6.86 23.94 9.65
N GLU B 225 -5.54 23.85 9.87
CA GLU B 225 -4.73 24.95 10.38
C GLU B 225 -3.70 25.39 9.35
N PHE B 226 -3.33 26.66 9.46
CA PHE B 226 -2.47 27.35 8.51
C PHE B 226 -1.51 28.13 9.40
N GLU B 227 -0.50 27.40 9.86
CA GLU B 227 0.39 27.84 10.95
C GLU B 227 1.34 28.95 10.51
N SER B 228 1.65 29.83 11.48
CA SER B 228 2.74 30.80 11.32
C SER B 228 4.05 30.10 11.61
N PRO B 229 5.14 30.54 10.98
CA PRO B 229 5.25 31.61 9.98
C PRO B 229 4.94 31.15 8.55
N PHE B 230 4.87 29.83 8.35
CA PHE B 230 4.72 29.22 7.01
C PHE B 230 3.61 29.85 6.14
N TRP B 231 2.46 30.06 6.76
CA TRP B 231 1.29 30.54 6.04
C TRP B 231 1.11 32.05 6.11
N ASP B 232 2.03 32.74 6.77
CA ASP B 232 1.88 34.20 7.01
C ASP B 232 1.59 35.02 5.74
N ASP B 233 2.31 34.70 4.67
CA ASP B 233 2.21 35.48 3.44
C ASP B 233 1.28 34.85 2.39
N ILE B 234 0.47 33.87 2.79
CA ILE B 234 -0.48 33.22 1.88
C ILE B 234 -1.85 33.89 1.94
N SER B 235 -2.49 34.01 0.77
CA SER B 235 -3.79 34.64 0.65
C SER B 235 -4.92 33.90 1.37
N GLU B 236 -5.89 34.67 1.82
CA GLU B 236 -7.12 34.11 2.32
C GLU B 236 -7.82 33.26 1.24
N SER B 237 -7.75 33.70 -0.01
CA SER B 237 -8.38 32.98 -1.12
C SER B 237 -7.84 31.54 -1.29
N ALA B 238 -6.52 31.39 -1.20
CA ALA B 238 -5.86 30.08 -1.25
C ALA B 238 -6.32 29.15 -0.12
N LYS B 239 -6.41 29.71 1.10
CA LYS B 239 -6.85 28.95 2.26
C LYS B 239 -8.31 28.57 2.11
N ASP B 240 -9.11 29.50 1.57
CA ASP B 240 -10.51 29.24 1.30
C ASP B 240 -10.67 28.06 0.33
N PHE B 241 -9.96 28.14 -0.78
CA PHE B 241 -9.94 27.09 -1.80
C PHE B 241 -9.62 25.73 -1.18
N ILE B 242 -8.48 25.65 -0.49
CA ILE B 242 -8.02 24.38 0.11
C ILE B 242 -9.10 23.80 1.03
N CYS B 243 -9.69 24.64 1.89
CA CYS B 243 -10.68 24.15 2.84
C CYS B 243 -11.95 23.59 2.17
N HIS B 244 -12.30 24.12 0.99
CA HIS B 244 -13.47 23.63 0.24
C HIS B 244 -13.21 22.21 -0.36
N LEU B 245 -11.94 21.89 -0.62
CA LEU B 245 -11.56 20.55 -1.08
C LEU B 245 -11.28 19.59 0.09
N LEU B 246 -10.73 20.11 1.19
CA LEU B 246 -10.50 19.29 2.41
C LEU B 246 -11.76 19.05 3.25
N GLU B 247 -12.84 19.76 2.88
CA GLU B 247 -14.15 19.67 3.51
C GLU B 247 -14.49 18.22 3.92
N LYS B 248 -14.69 18.01 5.22
CA LYS B 248 -14.93 16.67 5.79
C LYS B 248 -16.17 15.97 5.26
N ASP B 249 -17.21 16.74 4.96
CA ASP B 249 -18.45 16.22 4.42
C ASP B 249 -18.35 16.03 2.90
N PRO B 250 -18.27 14.77 2.42
CA PRO B 250 -18.10 14.56 0.98
C PRO B 250 -19.16 15.21 0.09
N ASN B 251 -20.36 15.38 0.65
CA ASN B 251 -21.46 15.99 -0.10
C ASN B 251 -21.30 17.51 -0.25
N GLU B 252 -20.67 18.14 0.74
CA GLU B 252 -20.37 19.58 0.71
C GLU B 252 -19.05 19.91 0.02
N ARG B 253 -18.15 18.94 -0.08
CA ARG B 253 -16.84 19.11 -0.69
C ARG B 253 -16.97 19.54 -2.14
N TYR B 254 -16.10 20.44 -2.58
CA TYR B 254 -16.07 20.83 -3.98
C TYR B 254 -15.81 19.61 -4.87
N THR B 255 -16.52 19.55 -5.98
CA THR B 255 -16.16 18.72 -7.12
C THR B 255 -15.02 19.42 -7.89
N CYS B 256 -14.40 18.72 -8.84
CA CYS B 256 -13.35 19.29 -9.67
C CYS B 256 -13.92 20.47 -10.49
N GLU B 257 -15.14 20.29 -11.01
CA GLU B 257 -15.84 21.35 -11.73
C GLU B 257 -15.98 22.62 -10.88
N LYS B 258 -16.45 22.48 -9.65
CA LYS B 258 -16.67 23.64 -8.79
C LYS B 258 -15.32 24.27 -8.40
N ALA B 259 -14.32 23.42 -8.11
CA ALA B 259 -12.96 23.88 -7.79
C ALA B 259 -12.38 24.73 -8.92
N LEU B 260 -12.56 24.26 -10.15
CA LEU B 260 -12.10 24.98 -11.34
C LEU B 260 -12.71 26.39 -11.51
N SER B 261 -13.86 26.66 -10.88
CA SER B 261 -14.52 27.98 -10.94
C SER B 261 -14.14 28.93 -9.76
N HIS B 262 -13.33 28.45 -8.82
CA HIS B 262 -12.94 29.23 -7.66
C HIS B 262 -11.98 30.31 -8.14
N PRO B 263 -12.11 31.55 -7.61
CA PRO B 263 -11.23 32.69 -7.94
C PRO B 263 -9.74 32.39 -7.91
N TRP B 264 -9.31 31.56 -6.97
CA TRP B 264 -7.90 31.24 -6.83
C TRP B 264 -7.37 30.52 -8.06
N ILE B 265 -8.24 29.72 -8.68
CA ILE B 265 -7.93 29.00 -9.89
C ILE B 265 -8.31 29.82 -11.15
N ASP B 266 -9.56 30.27 -11.22
CA ASP B 266 -10.10 30.84 -12.46
C ASP B 266 -10.02 32.38 -12.55
N GLY B 267 -9.89 33.03 -11.40
CA GLY B 267 -9.78 34.48 -11.29
C GLY B 267 -8.37 34.92 -11.01
N ASN B 268 -8.23 36.00 -10.23
CA ASN B 268 -6.95 36.68 -10.06
C ASN B 268 -6.50 36.85 -8.61
N THR B 269 -7.03 36.01 -7.72
CA THR B 269 -6.75 36.10 -6.29
C THR B 269 -5.44 35.41 -5.88
N ALA B 270 -4.91 34.54 -6.75
CA ALA B 270 -3.61 33.90 -6.48
C ALA B 270 -2.51 34.96 -6.52
N LEU B 271 -1.69 34.95 -5.47
CA LEU B 271 -0.62 35.90 -5.35
C LEU B 271 0.63 35.54 -6.16
N HIS B 272 1.46 36.58 -6.37
CA HIS B 272 2.68 36.50 -7.14
C HIS B 272 3.85 36.82 -6.24
N ARG B 273 3.62 36.80 -4.92
CA ARG B 273 4.69 36.89 -3.90
C ARG B 273 5.62 35.66 -3.99
N ASP B 274 6.94 35.88 -3.95
CA ASP B 274 7.89 34.77 -3.93
C ASP B 274 7.84 34.00 -2.59
N ILE B 275 7.36 32.75 -2.62
CA ILE B 275 7.30 31.91 -1.43
C ILE B 275 8.30 30.76 -1.49
N TYR B 276 9.20 30.81 -2.48
CA TYR B 276 10.20 29.77 -2.64
C TYR B 276 11.04 29.54 -1.38
N PRO B 277 11.58 30.61 -0.76
CA PRO B 277 12.51 30.37 0.35
C PRO B 277 11.94 29.45 1.45
N SER B 278 10.71 29.70 1.89
CA SER B 278 10.11 28.87 2.94
C SER B 278 9.65 27.49 2.44
N VAL B 279 8.97 27.48 1.30
CA VAL B 279 8.43 26.24 0.75
C VAL B 279 9.56 25.26 0.41
N SER B 280 10.60 25.75 -0.25
CA SER B 280 11.77 24.92 -0.59
C SER B 280 12.43 24.32 0.65
N LEU B 281 12.57 25.08 1.73
CA LEU B 281 13.20 24.55 2.95
C LEU B 281 12.38 23.42 3.53
N GLN B 282 11.07 23.61 3.58
CA GLN B 282 10.17 22.57 4.05
C GLN B 282 10.21 21.32 3.15
N ILE B 283 10.17 21.51 1.83
CA ILE B 283 10.25 20.35 0.93
C ILE B 283 11.52 19.53 1.20
N GLN B 284 12.66 20.22 1.29
CA GLN B 284 13.95 19.59 1.59
C GLN B 284 13.93 18.85 2.93
N LYS B 285 13.32 19.45 3.94
CA LYS B 285 13.25 18.84 5.28
C LYS B 285 12.30 17.64 5.33
N ASN B 286 11.16 17.72 4.64
CA ASN B 286 10.05 16.81 4.91
C ASN B 286 9.83 15.71 3.90
N PHE B 287 10.33 15.90 2.69
CA PHE B 287 10.16 14.88 1.69
C PHE B 287 11.27 13.84 1.83
N ALA B 288 10.83 12.59 2.07
CA ALA B 288 11.70 11.43 2.32
C ALA B 288 13.00 11.46 1.50
N LYS B 289 12.91 11.91 0.25
CA LYS B 289 14.08 12.39 -0.51
C LYS B 289 14.13 13.92 -0.43
N GLY C 1 26.23 7.65 12.23
CA GLY C 1 26.68 8.26 13.55
C GLY C 1 25.84 7.73 14.71
N VAL C 2 26.25 6.61 15.30
CA VAL C 2 25.33 5.82 16.11
C VAL C 2 25.81 5.48 17.52
N SER C 3 24.84 5.44 18.43
CA SER C 3 24.98 4.91 19.77
C SER C 3 24.41 3.49 19.80
N LYS C 4 25.18 2.56 20.35
CA LYS C 4 24.79 1.17 20.51
C LYS C 4 24.07 1.04 21.84
N PHE C 5 22.84 0.53 21.83
CA PHE C 5 22.08 0.33 23.07
C PHE C 5 22.60 -0.81 23.96
N ALA C 6 22.43 -0.61 25.26
CA ALA C 6 22.63 -1.60 26.33
C ALA C 6 24.10 -1.75 26.73
N VAL D 1 0.36 -11.71 -28.88
CA VAL D 1 -0.75 -10.77 -28.57
C VAL D 1 -1.51 -10.26 -29.79
N SER D 2 -2.79 -9.96 -29.60
CA SER D 2 -3.61 -9.27 -30.60
C SER D 2 -3.49 -7.76 -30.43
N LYS D 3 -3.14 -7.05 -31.50
CA LYS D 3 -3.09 -5.59 -31.47
C LYS D 3 -4.47 -5.02 -31.76
N PHE D 4 -4.98 -4.20 -30.84
CA PHE D 4 -6.27 -3.54 -31.04
C PHE D 4 -6.29 -2.58 -32.25
#